data_8BSB
#
_entry.id   8BSB
#
_cell.length_a   38.337
_cell.length_b   44.927
_cell.length_c   56.939
_cell.angle_alpha   75.320
_cell.angle_beta   79.170
_cell.angle_gamma   73.690
#
_symmetry.space_group_name_H-M   'P 1'
#
loop_
_entity.id
_entity.type
_entity.pdbx_description
1 polymer 'Methyl-accepting chemotaxis protein'
2 non-polymer D-LYSINE
3 water water
#
_entity_poly.entity_id   1
_entity_poly.type   'polypeptide(L)'
_entity_poly.pdbx_seq_one_letter_code
;GPLGSSELDKIQSELLNYTDDTLPAMENVDAIKDKMSYWRRTQFAVLPMKDEAQIRQTIERNNRVQAEINDSLVAYGKTV
WPGEEEQTFKRLMGNWNAYTAVTDQFNQTLLTQGADDAYPILANSLSTFEALESDFTLLIGILHQAMDSNKVQILSSVKT
LNSTSEFPGRLERPHRD
;
_entity_poly.pdbx_strand_id   A,B
#
# COMPACT_ATOMS: atom_id res chain seq x y z
N SER A 5 48.65 -0.75 3.30
CA SER A 5 47.74 -0.77 2.16
C SER A 5 46.66 -1.82 2.35
N SER A 6 47.06 -2.99 2.87
CA SER A 6 46.06 -4.01 3.19
C SER A 6 45.11 -3.53 4.27
N GLU A 7 45.55 -2.60 5.12
CA GLU A 7 44.65 -2.01 6.11
C GLU A 7 43.62 -1.12 5.43
N LEU A 8 44.06 -0.23 4.54
CA LEU A 8 43.14 0.65 3.84
C LEU A 8 42.17 -0.15 2.97
N ASP A 9 42.66 -1.20 2.30
CA ASP A 9 41.80 -2.02 1.47
C ASP A 9 40.75 -2.75 2.29
N LYS A 10 41.08 -3.09 3.54
CA LYS A 10 40.09 -3.71 4.42
C LYS A 10 38.97 -2.74 4.75
N ILE A 11 39.32 -1.49 5.08
CA ILE A 11 38.29 -0.50 5.39
C ILE A 11 37.47 -0.18 4.15
N GLN A 12 38.13 -0.05 3.00
CA GLN A 12 37.41 0.30 1.78
C GLN A 12 36.48 -0.82 1.34
N SER A 13 36.90 -2.08 1.54
CA SER A 13 36.03 -3.20 1.21
C SER A 13 34.85 -3.31 2.16
N GLU A 14 35.04 -2.94 3.43
CA GLU A 14 33.93 -3.00 4.38
C GLU A 14 32.97 -1.84 4.18
N LEU A 15 33.50 -0.65 3.87
CA LEU A 15 32.64 0.46 3.48
C LEU A 15 31.81 0.10 2.26
N LEU A 16 32.45 -0.48 1.25
CA LEU A 16 31.73 -0.85 0.02
C LEU A 16 30.66 -1.90 0.32
N ASN A 17 31.01 -2.92 1.08
CA ASN A 17 30.02 -3.92 1.46
C ASN A 17 28.82 -3.28 2.16
N TYR A 18 29.09 -2.31 3.03
CA TYR A 18 28.02 -1.64 3.77
C TYR A 18 27.15 -0.81 2.85
N THR A 19 27.77 0.01 2.00
CA THR A 19 27.02 0.97 1.21
C THR A 19 26.40 0.36 -0.04
N ASP A 20 27.06 -0.65 -0.64
CA ASP A 20 26.63 -1.20 -1.91
C ASP A 20 25.98 -2.57 -1.81
N ASP A 21 26.04 -3.22 -0.64
CA ASP A 21 25.41 -4.52 -0.47
C ASP A 21 24.41 -4.52 0.68
N THR A 22 24.84 -4.15 1.89
CA THR A 22 23.96 -4.28 3.04
C THR A 22 22.84 -3.25 3.01
N LEU A 23 23.19 -1.96 2.91
CA LEU A 23 22.13 -0.94 2.91
C LEU A 23 21.14 -1.14 1.78
N PRO A 24 21.56 -1.38 0.53
CA PRO A 24 20.57 -1.70 -0.51
C PRO A 24 19.69 -2.89 -0.16
N ALA A 25 20.29 -3.96 0.39
CA ALA A 25 19.48 -5.13 0.76
C ALA A 25 18.41 -4.74 1.78
N MET A 26 18.79 -3.98 2.80
CA MET A 26 17.83 -3.59 3.82
C MET A 26 16.76 -2.68 3.25
N GLU A 27 17.16 -1.67 2.46
CA GLU A 27 16.18 -0.79 1.84
C GLU A 27 15.21 -1.59 0.97
N ASN A 28 15.72 -2.58 0.25
CA ASN A 28 14.88 -3.34 -0.67
C ASN A 28 13.89 -4.21 0.08
N VAL A 29 14.34 -4.94 1.10
CA VAL A 29 13.42 -5.82 1.83
C VAL A 29 12.38 -4.99 2.58
N ASP A 30 12.81 -3.87 3.18
CA ASP A 30 11.84 -2.96 3.79
C ASP A 30 10.75 -2.59 2.80
N ALA A 31 11.14 -2.26 1.57
CA ALA A 31 10.16 -1.83 0.58
C ALA A 31 9.28 -2.99 0.11
N ILE A 32 9.85 -4.18 -0.05
CA ILE A 32 9.03 -5.33 -0.40
C ILE A 32 7.98 -5.60 0.67
N LYS A 33 8.40 -5.54 1.94
CA LYS A 33 7.47 -5.83 3.02
C LYS A 33 6.35 -4.80 3.07
N ASP A 34 6.68 -3.52 2.93
CA ASP A 34 5.65 -2.49 2.89
C ASP A 34 4.68 -2.74 1.73
N LYS A 35 5.21 -3.15 0.59
CA LYS A 35 4.34 -3.44 -0.56
C LYS A 35 3.47 -4.66 -0.29
N MET A 36 4.04 -5.71 0.29
CA MET A 36 3.24 -6.89 0.59
C MET A 36 2.13 -6.56 1.57
N SER A 37 2.45 -5.74 2.58
CA SER A 37 1.43 -5.34 3.56
C SER A 37 0.32 -4.53 2.90
N TYR A 38 0.70 -3.57 2.05
CA TYR A 38 -0.31 -2.84 1.29
C TYR A 38 -1.13 -3.80 0.44
N TRP A 39 -0.46 -4.74 -0.23
CA TRP A 39 -1.12 -5.72 -1.07
C TRP A 39 -2.12 -6.55 -0.28
N ARG A 40 -1.71 -7.02 0.91
CA ARG A 40 -2.63 -7.73 1.79
C ARG A 40 -3.85 -6.87 2.12
N ARG A 41 -3.63 -5.60 2.47
N ARG A 41 -3.61 -5.61 2.47
CA ARG A 41 -4.74 -4.72 2.79
CA ARG A 41 -4.71 -4.69 2.78
C ARG A 41 -5.71 -4.63 1.62
C ARG A 41 -5.69 -4.60 1.63
N THR A 42 -5.19 -4.55 0.39
CA THR A 42 -6.06 -4.45 -0.78
C THR A 42 -6.95 -5.67 -0.92
N GLN A 43 -6.49 -6.84 -0.47
CA GLN A 43 -7.32 -8.04 -0.57
C GLN A 43 -8.54 -7.94 0.32
N PHE A 44 -8.44 -7.25 1.45
CA PHE A 44 -9.62 -7.03 2.29
C PHE A 44 -10.46 -5.87 1.77
N ALA A 45 -9.83 -4.88 1.12
CA ALA A 45 -10.58 -3.72 0.63
C ALA A 45 -11.50 -4.07 -0.54
N VAL A 46 -11.26 -5.19 -1.23
CA VAL A 46 -12.09 -5.54 -2.37
C VAL A 46 -13.41 -6.20 -1.97
N LEU A 47 -13.53 -6.66 -0.72
CA LEU A 47 -14.69 -7.41 -0.28
C LEU A 47 -15.94 -6.54 -0.09
N PRO A 48 -15.83 -5.33 0.48
CA PRO A 48 -17.02 -4.46 0.57
C PRO A 48 -17.46 -3.90 -0.78
N MET A 49 -16.67 -4.07 -1.83
CA MET A 49 -17.01 -3.55 -3.14
C MET A 49 -18.27 -4.23 -3.67
N LYS A 50 -19.06 -3.48 -4.43
CA LYS A 50 -20.32 -3.97 -4.96
C LYS A 50 -20.37 -4.05 -6.48
N ASP A 51 -19.64 -3.19 -7.19
CA ASP A 51 -19.63 -3.23 -8.65
C ASP A 51 -18.64 -4.28 -9.14
N GLU A 52 -19.11 -5.17 -10.02
CA GLU A 52 -18.29 -6.28 -10.47
C GLU A 52 -17.10 -5.79 -11.28
N ALA A 53 -17.28 -4.76 -12.11
CA ALA A 53 -16.17 -4.22 -12.87
C ALA A 53 -15.12 -3.60 -11.95
N GLN A 54 -15.56 -2.88 -10.92
CA GLN A 54 -14.63 -2.36 -9.93
C GLN A 54 -13.89 -3.50 -9.22
N ILE A 55 -14.58 -4.61 -8.95
CA ILE A 55 -13.95 -5.74 -8.29
C ILE A 55 -12.87 -6.34 -9.18
N ARG A 56 -13.22 -6.61 -10.44
CA ARG A 56 -12.23 -7.18 -11.35
C ARG A 56 -11.04 -6.24 -11.52
N GLN A 57 -11.30 -4.94 -11.70
CA GLN A 57 -10.21 -3.99 -11.84
C GLN A 57 -9.25 -4.06 -10.66
N THR A 58 -9.80 -4.13 -9.44
CA THR A 58 -8.95 -4.17 -8.26
C THR A 58 -8.14 -5.46 -8.21
N ILE A 59 -8.75 -6.59 -8.59
CA ILE A 59 -8.04 -7.86 -8.57
C ILE A 59 -6.91 -7.84 -9.59
N GLU A 60 -7.19 -7.35 -10.81
CA GLU A 60 -6.12 -7.23 -11.80
C GLU A 60 -5.00 -6.35 -11.28
N ARG A 61 -5.33 -5.21 -10.68
CA ARG A 61 -4.30 -4.33 -10.12
C ARG A 61 -3.49 -5.06 -9.05
N ASN A 62 -4.16 -5.81 -8.18
CA ASN A 62 -3.45 -6.48 -7.10
C ASN A 62 -2.60 -7.63 -7.61
N ASN A 63 -3.02 -8.28 -8.70
CA ASN A 63 -2.18 -9.32 -9.29
C ASN A 63 -0.89 -8.72 -9.86
N ARG A 64 -0.98 -7.51 -10.43
CA ARG A 64 0.23 -6.81 -10.83
C ARG A 64 1.15 -6.59 -9.64
N VAL A 65 0.60 -6.11 -8.52
CA VAL A 65 1.41 -5.87 -7.32
C VAL A 65 1.98 -7.19 -6.83
N GLN A 66 1.20 -8.27 -6.90
CA GLN A 66 1.72 -9.59 -6.54
C GLN A 66 2.93 -9.94 -7.38
N ALA A 67 2.85 -9.69 -8.70
CA ALA A 67 3.95 -10.03 -9.58
C ALA A 67 5.20 -9.19 -9.29
N GLU A 68 5.01 -7.95 -8.85
CA GLU A 68 6.14 -7.12 -8.47
C GLU A 68 6.83 -7.65 -7.22
N ILE A 69 6.05 -7.97 -6.19
CA ILE A 69 6.61 -8.59 -4.99
C ILE A 69 7.38 -9.84 -5.36
N ASN A 70 6.78 -10.70 -6.19
CA ASN A 70 7.40 -11.96 -6.55
C ASN A 70 8.71 -11.72 -7.28
N ASP A 71 8.70 -10.83 -8.27
CA ASP A 71 9.92 -10.54 -9.01
C ASP A 71 10.99 -9.95 -8.09
N SER A 72 10.58 -9.10 -7.15
CA SER A 72 11.54 -8.55 -6.20
C SER A 72 12.11 -9.63 -5.31
N LEU A 73 11.29 -10.60 -4.90
CA LEU A 73 11.77 -11.67 -4.05
C LEU A 73 12.72 -12.60 -4.81
N VAL A 74 12.34 -12.96 -6.03
CA VAL A 74 13.20 -13.80 -6.86
C VAL A 74 14.55 -13.12 -7.07
N ALA A 75 14.53 -11.83 -7.39
CA ALA A 75 15.77 -11.08 -7.57
C ALA A 75 16.60 -11.08 -6.29
N TYR A 76 15.95 -10.84 -5.15
CA TYR A 76 16.67 -10.85 -3.88
C TYR A 76 17.29 -12.21 -3.60
N GLY A 77 16.57 -13.28 -3.93
CA GLY A 77 17.06 -14.62 -3.62
C GLY A 77 18.37 -14.95 -4.32
N LYS A 78 18.63 -14.32 -5.46
CA LYS A 78 19.89 -14.57 -6.16
C LYS A 78 21.09 -13.99 -5.43
N THR A 79 20.88 -13.12 -4.44
CA THR A 79 21.95 -12.42 -3.76
C THR A 79 22.17 -12.92 -2.33
N VAL A 80 21.37 -13.86 -1.84
CA VAL A 80 21.42 -14.20 -0.43
C VAL A 80 22.75 -14.86 -0.10
N TRP A 81 23.28 -14.55 1.07
CA TRP A 81 24.52 -15.10 1.60
C TRP A 81 24.24 -16.42 2.31
N PRO A 82 25.12 -17.41 2.22
CA PRO A 82 24.90 -18.65 2.97
C PRO A 82 24.69 -18.36 4.45
N GLY A 83 23.97 -19.25 5.12
CA GLY A 83 23.72 -19.12 6.54
C GLY A 83 22.31 -18.69 6.89
N GLU A 84 22.19 -17.82 7.89
CA GLU A 84 20.88 -17.42 8.40
C GLU A 84 20.04 -16.75 7.31
N GLU A 85 20.68 -15.97 6.43
CA GLU A 85 19.92 -15.26 5.40
C GLU A 85 19.36 -16.22 4.37
N GLU A 86 20.20 -17.13 3.85
CA GLU A 86 19.71 -18.10 2.87
C GLU A 86 18.60 -18.97 3.45
N GLN A 87 18.85 -19.56 4.62
CA GLN A 87 17.84 -20.43 5.23
C GLN A 87 16.55 -19.66 5.49
N THR A 88 16.67 -18.43 6.00
CA THR A 88 15.47 -17.63 6.27
C THR A 88 14.73 -17.31 4.98
N PHE A 89 15.46 -16.93 3.93
CA PHE A 89 14.81 -16.56 2.68
C PHE A 89 14.23 -17.78 1.98
N LYS A 90 14.89 -18.92 2.06
CA LYS A 90 14.31 -20.15 1.53
C LYS A 90 12.95 -20.42 2.17
N ARG A 91 12.84 -20.24 3.49
CA ARG A 91 11.57 -20.43 4.16
C ARG A 91 10.55 -19.38 3.72
N LEU A 92 10.97 -18.11 3.72
CA LEU A 92 10.09 -17.03 3.28
C LEU A 92 9.49 -17.36 1.92
N MET A 93 10.29 -17.91 1.01
CA MET A 93 9.79 -18.19 -0.33
C MET A 93 8.77 -19.33 -0.31
N GLY A 94 8.98 -20.34 0.53
CA GLY A 94 7.99 -21.39 0.67
C GLY A 94 6.66 -20.85 1.16
N ASN A 95 6.69 -19.96 2.16
CA ASN A 95 5.47 -19.36 2.67
C ASN A 95 4.87 -18.36 1.69
N TRP A 96 5.71 -17.74 0.87
CA TRP A 96 5.19 -16.88 -0.20
C TRP A 96 4.45 -17.71 -1.24
N ASN A 97 5.03 -18.83 -1.65
CA ASN A 97 4.34 -19.75 -2.54
C ASN A 97 3.03 -20.23 -1.93
N ALA A 98 3.05 -20.54 -0.64
CA ALA A 98 1.82 -20.96 0.03
C ALA A 98 0.75 -19.88 -0.05
N TYR A 99 1.11 -18.64 0.32
CA TYR A 99 0.08 -17.60 0.39
C TYR A 99 -0.40 -17.18 -0.98
N THR A 100 0.45 -17.22 -2.00
CA THR A 100 -0.03 -16.94 -3.35
C THR A 100 -0.98 -18.03 -3.84
N ALA A 101 -0.78 -19.27 -3.39
CA ALA A 101 -1.76 -20.32 -3.68
C ALA A 101 -3.10 -20.00 -3.03
N VAL A 102 -3.08 -19.56 -1.77
CA VAL A 102 -4.29 -19.08 -1.12
C VAL A 102 -4.88 -17.92 -1.90
N THR A 103 -4.03 -16.96 -2.28
CA THR A 103 -4.51 -15.77 -2.98
C THR A 103 -5.15 -16.12 -4.31
N ASP A 104 -4.58 -17.09 -5.03
CA ASP A 104 -5.20 -17.54 -6.27
C ASP A 104 -6.60 -18.07 -6.00
N GLN A 105 -6.75 -18.93 -4.98
CA GLN A 105 -8.07 -19.43 -4.63
C GLN A 105 -8.99 -18.30 -4.20
N PHE A 106 -8.46 -17.35 -3.43
CA PHE A 106 -9.27 -16.21 -3.01
C PHE A 106 -9.79 -15.42 -4.20
N ASN A 107 -8.88 -15.00 -5.09
CA ASN A 107 -9.30 -14.25 -6.28
C ASN A 107 -10.35 -15.02 -7.07
N GLN A 108 -10.11 -16.31 -7.30
CA GLN A 108 -11.04 -17.10 -8.12
C GLN A 108 -12.41 -17.16 -7.46
N THR A 109 -12.45 -17.35 -6.15
CA THR A 109 -13.74 -17.42 -5.45
C THR A 109 -14.40 -16.04 -5.41
N LEU A 110 -13.62 -14.98 -5.22
CA LEU A 110 -14.20 -13.64 -5.19
C LEU A 110 -14.90 -13.31 -6.52
N LEU A 111 -14.29 -13.72 -7.63
CA LEU A 111 -14.79 -13.31 -8.94
C LEU A 111 -15.88 -14.22 -9.47
N THR A 112 -16.02 -15.43 -8.92
CA THR A 112 -17.02 -16.38 -9.38
C THR A 112 -18.11 -16.65 -8.35
N GLN A 113 -17.93 -16.25 -7.10
CA GLN A 113 -18.89 -16.57 -6.06
C GLN A 113 -19.22 -15.37 -5.16
N GLY A 114 -18.30 -14.42 -5.04
CA GLY A 114 -18.56 -13.19 -4.32
C GLY A 114 -17.76 -13.09 -3.02
N ALA A 115 -17.81 -11.89 -2.45
CA ALA A 115 -17.02 -11.60 -1.27
C ALA A 115 -17.41 -12.48 -0.09
N ASP A 116 -18.68 -12.86 0.02
CA ASP A 116 -19.14 -13.61 1.18
C ASP A 116 -18.49 -14.99 1.23
N ASP A 117 -18.29 -15.63 0.08
CA ASP A 117 -17.59 -16.90 0.02
C ASP A 117 -16.07 -16.76 -0.05
N ALA A 118 -15.58 -15.58 -0.43
CA ALA A 118 -14.14 -15.35 -0.53
C ALA A 118 -13.52 -14.95 0.80
N TYR A 119 -14.23 -14.17 1.61
CA TYR A 119 -13.65 -13.73 2.87
C TYR A 119 -13.15 -14.88 3.73
N PRO A 120 -13.89 -16.00 3.90
CA PRO A 120 -13.39 -17.09 4.75
C PRO A 120 -12.02 -17.62 4.33
N ILE A 121 -11.68 -17.56 3.04
CA ILE A 121 -10.34 -17.99 2.62
C ILE A 121 -9.28 -17.18 3.34
N LEU A 122 -9.50 -15.87 3.46
CA LEU A 122 -8.55 -15.01 4.16
C LEU A 122 -8.64 -15.23 5.67
N ALA A 123 -9.85 -15.31 6.20
CA ALA A 123 -10.03 -15.42 7.64
C ALA A 123 -9.47 -16.71 8.19
N ASN A 124 -9.48 -17.78 7.39
CA ASN A 124 -9.11 -19.11 7.88
C ASN A 124 -7.68 -19.51 7.54
N SER A 125 -6.97 -18.73 6.72
CA SER A 125 -5.60 -19.02 6.31
C SER A 125 -4.59 -18.17 7.05
N LEU A 126 -4.93 -17.69 8.25
CA LEU A 126 -4.04 -16.76 8.94
CA LEU A 126 -4.05 -16.76 8.94
C LEU A 126 -2.71 -17.41 9.27
N SER A 127 -2.70 -18.70 9.61
CA SER A 127 -1.43 -19.36 9.89
C SER A 127 -0.51 -19.27 8.66
N THR A 128 -1.08 -19.43 7.47
CA THR A 128 -0.29 -19.34 6.25
C THR A 128 0.30 -17.94 6.08
N PHE A 129 -0.52 -16.91 6.29
CA PHE A 129 -0.03 -15.57 6.06
C PHE A 129 0.91 -15.09 7.16
N GLU A 130 0.60 -15.39 8.42
CA GLU A 130 1.49 -14.96 9.50
C GLU A 130 2.87 -15.60 9.38
N ALA A 131 2.94 -16.83 8.88
CA ALA A 131 4.25 -17.44 8.66
C ALA A 131 5.06 -16.62 7.65
N LEU A 132 4.40 -16.14 6.60
CA LEU A 132 5.08 -15.26 5.64
C LEU A 132 5.49 -13.94 6.28
N GLU A 133 4.55 -13.30 6.99
CA GLU A 133 4.89 -12.08 7.73
C GLU A 133 6.09 -12.31 8.62
N SER A 134 6.07 -13.39 9.40
CA SER A 134 7.13 -13.67 10.36
C SER A 134 8.48 -13.78 9.66
N ASP A 135 8.52 -14.43 8.50
CA ASP A 135 9.78 -14.60 7.79
C ASP A 135 10.34 -13.26 7.33
N PHE A 136 9.49 -12.39 6.77
CA PHE A 136 9.91 -11.04 6.43
C PHE A 136 10.52 -10.35 7.65
N THR A 137 9.86 -10.47 8.80
CA THR A 137 10.33 -9.80 10.00
C THR A 137 11.67 -10.37 10.47
N LEU A 138 11.86 -11.68 10.31
CA LEU A 138 13.16 -12.26 10.65
C LEU A 138 14.23 -11.81 9.67
N LEU A 139 13.90 -11.79 8.38
CA LEU A 139 14.86 -11.37 7.37
C LEU A 139 15.30 -9.93 7.59
N ILE A 140 14.34 -9.04 7.90
CA ILE A 140 14.67 -7.66 8.20
C ILE A 140 15.59 -7.58 9.42
N GLY A 141 15.35 -8.44 10.41
CA GLY A 141 16.22 -8.45 11.59
C GLY A 141 17.63 -8.88 11.25
N ILE A 142 17.77 -9.91 10.40
CA ILE A 142 19.09 -10.33 9.95
C ILE A 142 19.82 -9.15 9.32
N LEU A 143 19.11 -8.39 8.48
CA LEU A 143 19.76 -7.29 7.76
C LEU A 143 20.05 -6.13 8.71
N HIS A 144 19.16 -5.86 9.67
CA HIS A 144 19.47 -4.91 10.71
C HIS A 144 20.76 -5.30 11.43
N GLN A 145 20.88 -6.59 11.77
CA GLN A 145 22.10 -7.07 12.42
C GLN A 145 23.31 -6.88 11.53
N ALA A 146 23.18 -7.22 10.24
CA ALA A 146 24.30 -7.04 9.31
C ALA A 146 24.70 -5.58 9.23
N MET A 147 23.72 -4.67 9.19
CA MET A 147 24.02 -3.24 9.18
C MET A 147 24.87 -2.86 10.39
N ASP A 148 24.48 -3.33 11.57
CA ASP A 148 25.22 -2.98 12.78
C ASP A 148 26.59 -3.63 12.80
N SER A 149 26.67 -4.90 12.39
CA SER A 149 27.97 -5.56 12.33
C SER A 149 28.91 -4.85 11.38
N ASN A 150 28.38 -4.41 10.23
CA ASN A 150 29.20 -3.64 9.28
C ASN A 150 29.76 -2.39 9.94
N LYS A 151 28.88 -1.62 10.58
CA LYS A 151 29.29 -0.36 11.20
C LYS A 151 30.36 -0.61 12.25
N VAL A 152 30.13 -1.57 13.14
CA VAL A 152 31.10 -1.88 14.19
C VAL A 152 32.46 -2.20 13.58
N GLN A 153 32.49 -2.98 12.50
CA GLN A 153 33.76 -3.34 11.90
C GLN A 153 34.42 -2.15 11.23
N ILE A 154 33.64 -1.29 10.57
CA ILE A 154 34.20 -0.10 9.95
C ILE A 154 34.83 0.78 11.03
N LEU A 155 34.08 1.06 12.10
CA LEU A 155 34.60 1.88 13.18
C LEU A 155 35.86 1.26 13.78
N SER A 156 35.85 -0.06 13.99
CA SER A 156 37.02 -0.71 14.56
C SER A 156 38.24 -0.57 13.67
N SER A 157 38.04 -0.62 12.35
CA SER A 157 39.18 -0.55 11.44
C SER A 157 39.76 0.86 11.37
N VAL A 158 38.92 1.89 11.49
CA VAL A 158 39.43 3.25 11.61
C VAL A 158 40.43 3.35 12.74
N LYS A 159 40.25 2.53 13.78
CA LYS A 159 41.18 2.51 14.90
C LYS A 159 42.53 1.91 14.48
N THR A 160 42.50 0.83 13.70
CA THR A 160 43.73 0.13 13.34
C THR A 160 44.66 1.03 12.53
N LEU A 161 44.09 1.87 11.66
CA LEU A 161 44.90 2.86 10.96
C LEU A 161 45.66 3.79 11.91
N ASN A 162 45.34 3.75 13.20
CA ASN A 162 45.86 4.66 14.22
C ASN A 162 45.29 6.05 14.07
N SER A 163 44.13 6.17 13.42
CA SER A 163 43.44 7.45 13.25
C SER A 163 42.35 7.62 14.29
N GLY B 1 -48.97 4.47 -7.12
CA GLY B 1 -49.19 3.05 -7.31
C GLY B 1 -50.05 2.44 -6.22
N PRO B 2 -49.94 1.12 -6.04
CA PRO B 2 -50.77 0.44 -5.03
C PRO B 2 -50.61 1.09 -3.66
N LEU B 3 -51.74 1.25 -2.97
CA LEU B 3 -51.70 1.84 -1.64
C LEU B 3 -50.88 0.96 -0.70
N GLY B 4 -49.89 1.57 -0.04
CA GLY B 4 -49.00 0.86 0.84
C GLY B 4 -47.69 0.44 0.21
N SER B 5 -47.56 0.54 -1.11
CA SER B 5 -46.34 0.08 -1.76
C SER B 5 -45.21 1.09 -1.65
N SER B 6 -45.51 2.39 -1.64
CA SER B 6 -44.46 3.40 -1.60
C SER B 6 -43.71 3.35 -0.27
N GLU B 7 -44.41 3.18 0.85
CA GLU B 7 -43.73 3.11 2.13
C GLU B 7 -43.01 1.77 2.30
N LEU B 8 -43.53 0.70 1.72
CA LEU B 8 -42.80 -0.57 1.74
C LEU B 8 -41.55 -0.49 0.85
N ASP B 9 -41.64 0.24 -0.26
CA ASP B 9 -40.48 0.47 -1.10
C ASP B 9 -39.47 1.39 -0.43
N LYS B 10 -39.91 2.21 0.53
CA LYS B 10 -38.96 3.04 1.28
C LYS B 10 -37.99 2.17 2.07
N ILE B 11 -38.48 1.06 2.63
CA ILE B 11 -37.59 0.12 3.31
C ILE B 11 -36.52 -0.38 2.35
N GLN B 12 -36.95 -0.96 1.23
CA GLN B 12 -36.00 -1.51 0.26
C GLN B 12 -34.96 -0.47 -0.14
N SER B 13 -35.41 0.77 -0.40
CA SER B 13 -34.50 1.81 -0.86
C SER B 13 -33.46 2.16 0.22
N GLU B 14 -33.92 2.41 1.44
CA GLU B 14 -32.98 2.75 2.52
C GLU B 14 -31.99 1.61 2.74
N LEU B 15 -32.43 0.37 2.57
CA LEU B 15 -31.52 -0.76 2.72
C LEU B 15 -30.44 -0.76 1.65
N LEU B 16 -30.84 -0.59 0.39
CA LEU B 16 -29.87 -0.61 -0.70
C LEU B 16 -28.94 0.60 -0.63
N ASN B 17 -29.47 1.76 -0.26
CA ASN B 17 -28.61 2.93 -0.10
C ASN B 17 -27.51 2.66 0.92
N TYR B 18 -27.85 1.98 2.01
CA TYR B 18 -26.86 1.67 3.04
C TYR B 18 -25.87 0.62 2.56
N THR B 19 -26.39 -0.53 2.09
CA THR B 19 -25.51 -1.66 1.79
C THR B 19 -24.77 -1.49 0.47
N ASP B 20 -25.37 -0.83 -0.52
CA ASP B 20 -24.80 -0.76 -1.85
C ASP B 20 -24.17 0.60 -2.16
N ASP B 21 -24.44 1.63 -1.35
CA ASP B 21 -23.87 2.96 -1.59
C ASP B 21 -23.03 3.44 -0.42
N THR B 22 -23.60 3.53 0.78
CA THR B 22 -22.88 4.12 1.90
C THR B 22 -21.70 3.24 2.32
N LEU B 23 -21.96 1.98 2.64
CA LEU B 23 -20.88 1.14 3.16
C LEU B 23 -19.75 0.96 2.16
N PRO B 24 -19.99 0.67 0.88
CA PRO B 24 -18.86 0.61 -0.06
C PRO B 24 -18.13 1.94 -0.18
N ALA B 25 -18.81 3.07 0.01
CA ALA B 25 -18.14 4.37 -0.06
C ALA B 25 -17.20 4.57 1.12
N MET B 26 -17.68 4.34 2.35
CA MET B 26 -16.80 4.44 3.50
C MET B 26 -15.55 3.56 3.30
N GLU B 27 -15.76 2.31 2.91
CA GLU B 27 -14.63 1.40 2.74
C GLU B 27 -13.72 1.84 1.61
N ASN B 28 -14.30 2.40 0.55
CA ASN B 28 -13.49 2.80 -0.61
C ASN B 28 -12.60 3.99 -0.26
N VAL B 29 -13.18 5.03 0.37
CA VAL B 29 -12.37 6.18 0.78
C VAL B 29 -11.26 5.74 1.72
N ASP B 30 -11.59 4.88 2.68
CA ASP B 30 -10.57 4.39 3.60
C ASP B 30 -9.45 3.67 2.85
N ALA B 31 -9.81 2.83 1.86
CA ALA B 31 -8.80 2.11 1.11
C ALA B 31 -7.94 3.06 0.29
N ILE B 32 -8.53 4.11 -0.27
CA ILE B 32 -7.74 5.09 -1.01
C ILE B 32 -6.77 5.81 -0.09
N LYS B 33 -7.23 6.22 1.09
CA LYS B 33 -6.34 6.87 2.04
C LYS B 33 -5.17 5.97 2.39
N ASP B 34 -5.44 4.68 2.62
CA ASP B 34 -4.37 3.74 2.90
C ASP B 34 -3.41 3.63 1.71
N LYS B 35 -3.97 3.54 0.50
CA LYS B 35 -3.12 3.46 -0.69
C LYS B 35 -2.27 4.72 -0.85
N MET B 36 -2.87 5.87 -0.57
CA MET B 36 -2.13 7.13 -0.65
C MET B 36 -1.00 7.18 0.38
N SER B 37 -1.27 6.72 1.60
CA SER B 37 -0.23 6.67 2.62
C SER B 37 0.91 5.75 2.17
N TYR B 38 0.58 4.60 1.59
CA TYR B 38 1.61 3.72 1.08
C TYR B 38 2.39 4.38 -0.05
N TRP B 39 1.68 5.03 -0.98
CA TRP B 39 2.34 5.70 -2.10
C TRP B 39 3.29 6.79 -1.62
N ARG B 40 2.87 7.55 -0.60
CA ARG B 40 3.76 8.56 -0.02
C ARG B 40 5.04 7.94 0.50
N ARG B 41 4.90 6.82 1.23
CA ARG B 41 6.08 6.14 1.76
C ARG B 41 7.02 5.73 0.64
N THR B 42 6.48 5.26 -0.49
CA THR B 42 7.35 4.82 -1.57
C THR B 42 8.01 5.98 -2.29
N GLN B 43 7.46 7.20 -2.18
CA GLN B 43 8.14 8.37 -2.70
C GLN B 43 9.45 8.60 -1.97
N PHE B 44 9.44 8.45 -0.64
CA PHE B 44 10.66 8.56 0.13
C PHE B 44 11.59 7.38 -0.11
N ALA B 45 11.03 6.20 -0.43
CA ALA B 45 11.85 5.00 -0.57
C ALA B 45 12.81 5.08 -1.74
N VAL B 46 12.56 5.97 -2.71
CA VAL B 46 13.46 6.08 -3.85
C VAL B 46 14.69 6.92 -3.54
N LEU B 47 14.65 7.71 -2.46
CA LEU B 47 15.74 8.62 -2.16
C LEU B 47 17.09 7.93 -2.03
N PRO B 48 17.23 6.82 -1.29
CA PRO B 48 18.56 6.22 -1.09
C PRO B 48 19.05 5.37 -2.25
N MET B 49 18.21 5.06 -3.23
CA MET B 49 18.58 4.08 -4.23
C MET B 49 19.76 4.57 -5.05
N LYS B 50 20.68 3.67 -5.35
CA LYS B 50 21.87 3.99 -6.14
C LYS B 50 21.81 3.50 -7.57
N ASP B 51 21.14 2.37 -7.82
CA ASP B 51 21.07 1.79 -9.15
C ASP B 51 20.01 2.53 -9.97
N GLU B 52 20.42 3.10 -11.09
CA GLU B 52 19.52 3.95 -11.87
C GLU B 52 18.33 3.15 -12.40
N ALA B 53 18.56 1.90 -12.83
CA ALA B 53 17.46 1.08 -13.32
C ALA B 53 16.44 0.82 -12.22
N GLN B 54 16.90 0.66 -10.98
CA GLN B 54 15.97 0.53 -9.86
C GLN B 54 15.21 1.82 -9.64
N ILE B 55 15.90 2.97 -9.72
CA ILE B 55 15.21 4.25 -9.58
C ILE B 55 14.11 4.37 -10.62
N ARG B 56 14.43 4.03 -11.87
CA ARG B 56 13.44 4.14 -12.94
C ARG B 56 12.26 3.22 -12.68
N GLN B 57 12.54 1.98 -12.25
CA GLN B 57 11.46 1.05 -11.99
C GLN B 57 10.59 1.53 -10.84
N THR B 58 11.20 2.05 -9.78
CA THR B 58 10.44 2.51 -8.63
C THR B 58 9.54 3.69 -8.99
N ILE B 59 10.07 4.68 -9.70
CA ILE B 59 9.25 5.83 -10.05
C ILE B 59 8.14 5.43 -11.02
N GLU B 60 8.45 4.51 -11.95
CA GLU B 60 7.42 3.99 -12.84
C GLU B 60 6.26 3.42 -12.03
N ARG B 61 6.57 2.60 -11.03
CA ARG B 61 5.53 1.95 -10.24
C ARG B 61 4.80 2.96 -9.35
N ASN B 62 5.54 3.89 -8.74
CA ASN B 62 4.91 4.94 -7.96
C ASN B 62 3.93 5.74 -8.80
N ASN B 63 4.31 6.06 -10.04
CA ASN B 63 3.42 6.82 -10.90
C ASN B 63 2.20 6.00 -11.32
N ARG B 64 2.35 4.70 -11.49
CA ARG B 64 1.18 3.86 -11.73
C ARG B 64 0.22 3.92 -10.53
N VAL B 65 0.77 3.78 -9.32
CA VAL B 65 -0.05 3.86 -8.12
C VAL B 65 -0.72 5.22 -8.03
N GLN B 66 0.02 6.28 -8.35
CA GLN B 66 -0.55 7.62 -8.36
C GLN B 66 -1.73 7.71 -9.31
N ALA B 67 -1.57 7.16 -10.51
CA ALA B 67 -2.65 7.21 -11.49
C ALA B 67 -3.86 6.43 -11.00
N GLU B 68 -3.64 5.26 -10.38
CA GLU B 68 -4.74 4.46 -9.84
C GLU B 68 -5.47 5.22 -8.74
N ILE B 69 -4.73 5.92 -7.88
CA ILE B 69 -5.36 6.76 -6.87
C ILE B 69 -6.19 7.84 -7.53
N ASN B 70 -5.60 8.53 -8.52
CA ASN B 70 -6.32 9.59 -9.21
C ASN B 70 -7.58 9.05 -9.87
N ASP B 71 -7.48 7.89 -10.53
CA ASP B 71 -8.65 7.27 -11.14
C ASP B 71 -9.74 7.01 -10.10
N SER B 72 -9.35 6.47 -8.95
CA SER B 72 -10.33 6.19 -7.90
C SER B 72 -10.99 7.48 -7.41
N LEU B 73 -10.18 8.53 -7.20
CA LEU B 73 -10.74 9.80 -6.73
C LEU B 73 -11.70 10.38 -7.76
N VAL B 74 -11.29 10.41 -9.03
CA VAL B 74 -12.17 10.91 -10.09
C VAL B 74 -13.45 10.09 -10.12
N ALA B 75 -13.32 8.76 -10.09
CA ALA B 75 -14.50 7.90 -10.03
C ALA B 75 -15.39 8.29 -8.86
N TYR B 76 -14.79 8.55 -7.70
CA TYR B 76 -15.57 8.92 -6.53
C TYR B 76 -16.28 10.26 -6.73
N GLY B 77 -15.58 11.23 -7.33
CA GLY B 77 -16.15 12.54 -7.51
C GLY B 77 -17.47 12.53 -8.26
N LYS B 78 -17.64 11.56 -9.17
CA LYS B 78 -18.88 11.44 -9.91
C LYS B 78 -20.07 11.04 -9.04
N THR B 79 -19.82 10.64 -7.79
CA THR B 79 -20.86 10.09 -6.93
C THR B 79 -21.17 10.97 -5.72
N VAL B 80 -20.50 12.12 -5.57
CA VAL B 80 -20.64 12.90 -4.35
C VAL B 80 -22.02 13.55 -4.30
N TRP B 81 -22.62 13.56 -3.11
CA TRP B 81 -23.90 14.19 -2.87
C TRP B 81 -23.70 15.67 -2.55
N PRO B 82 -24.59 16.55 -3.03
CA PRO B 82 -24.44 17.99 -2.73
C PRO B 82 -24.30 18.22 -1.23
N GLY B 83 -23.65 19.34 -0.87
CA GLY B 83 -23.47 19.66 0.52
C GLY B 83 -22.10 19.28 1.06
N GLU B 84 -22.06 18.81 2.31
CA GLU B 84 -20.78 18.61 2.97
C GLU B 84 -19.89 17.65 2.19
N GLU B 85 -20.47 16.61 1.59
CA GLU B 85 -19.65 15.63 0.88
C GLU B 85 -18.97 16.25 -0.34
N GLU B 86 -19.76 16.87 -1.22
CA GLU B 86 -19.19 17.49 -2.41
C GLU B 86 -18.17 18.54 -2.04
N GLN B 87 -18.48 19.39 -1.06
CA GLN B 87 -17.56 20.47 -0.71
C GLN B 87 -16.26 19.93 -0.14
N THR B 88 -16.34 18.90 0.70
CA THR B 88 -15.12 18.29 1.24
C THR B 88 -14.33 17.60 0.14
N PHE B 89 -15.01 16.89 -0.77
CA PHE B 89 -14.29 16.23 -1.84
C PHE B 89 -13.65 17.21 -2.79
N LYS B 90 -14.29 18.36 -3.03
CA LYS B 90 -13.68 19.39 -3.87
C LYS B 90 -12.36 19.85 -3.27
N ARG B 91 -12.35 20.17 -1.98
CA ARG B 91 -11.10 20.53 -1.31
C ARG B 91 -10.09 19.40 -1.41
N LEU B 92 -10.54 18.16 -1.17
CA LEU B 92 -9.65 17.01 -1.30
C LEU B 92 -9.00 16.96 -2.67
N MET B 93 -9.81 17.02 -3.73
CA MET B 93 -9.26 17.00 -5.08
C MET B 93 -8.26 18.14 -5.28
N GLY B 94 -8.57 19.31 -4.74
CA GLY B 94 -7.67 20.44 -4.88
C GLY B 94 -6.30 20.15 -4.29
N ASN B 95 -6.27 19.58 -3.08
CA ASN B 95 -4.99 19.21 -2.49
C ASN B 95 -4.35 18.05 -3.22
N TRP B 96 -5.15 17.11 -3.71
CA TRP B 96 -4.58 15.99 -4.47
C TRP B 96 -3.82 16.50 -5.69
N ASN B 97 -4.45 17.39 -6.46
CA ASN B 97 -3.81 17.92 -7.65
C ASN B 97 -2.61 18.80 -7.31
N ALA B 98 -2.68 19.53 -6.20
CA ALA B 98 -1.52 20.32 -5.77
C ALA B 98 -0.38 19.41 -5.34
N TYR B 99 -0.69 18.39 -4.55
CA TYR B 99 0.37 17.50 -4.08
C TYR B 99 1.03 16.76 -5.24
N THR B 100 0.24 16.28 -6.20
CA THR B 100 0.83 15.57 -7.32
C THR B 100 1.62 16.53 -8.21
N ALA B 101 1.21 17.79 -8.29
CA ALA B 101 1.99 18.78 -9.01
C ALA B 101 3.39 18.90 -8.41
N VAL B 102 3.46 18.99 -7.08
CA VAL B 102 4.77 19.03 -6.42
C VAL B 102 5.49 17.70 -6.58
N THR B 103 4.73 16.59 -6.45
CA THR B 103 5.30 15.25 -6.61
C THR B 103 5.88 15.04 -7.98
N ASP B 104 5.18 15.49 -9.03
CA ASP B 104 5.71 15.35 -10.37
C ASP B 104 7.03 16.09 -10.50
N GLN B 105 7.15 17.26 -9.87
CA GLN B 105 8.41 18.00 -9.90
C GLN B 105 9.51 17.24 -9.15
N PHE B 106 9.16 16.64 -8.01
CA PHE B 106 10.11 15.81 -7.29
C PHE B 106 10.67 14.71 -8.19
N ASN B 107 9.79 13.99 -8.88
CA ASN B 107 10.25 12.90 -9.73
C ASN B 107 11.13 13.41 -10.85
N GLN B 108 10.75 14.52 -11.48
CA GLN B 108 11.52 15.06 -12.59
C GLN B 108 12.92 15.44 -12.15
N THR B 109 13.04 16.11 -11.02
CA THR B 109 14.36 16.53 -10.54
C THR B 109 15.17 15.33 -10.10
N LEU B 110 14.53 14.34 -9.47
CA LEU B 110 15.28 13.16 -9.04
C LEU B 110 15.86 12.42 -10.23
N LEU B 111 15.04 12.22 -11.28
CA LEU B 111 15.52 11.47 -12.44
C LEU B 111 16.61 12.23 -13.19
N THR B 112 16.48 13.55 -13.31
CA THR B 112 17.42 14.32 -14.12
C THR B 112 18.62 14.82 -13.34
N GLN B 113 18.53 14.93 -12.02
CA GLN B 113 19.61 15.52 -11.23
C GLN B 113 19.99 14.74 -10.00
N GLY B 114 19.14 13.84 -9.51
CA GLY B 114 19.48 13.01 -8.37
C GLY B 114 18.71 13.40 -7.12
N ALA B 115 18.74 12.47 -6.15
CA ALA B 115 17.94 12.62 -4.94
C ALA B 115 18.35 13.82 -4.11
N ASP B 116 19.65 14.06 -3.99
CA ASP B 116 20.13 15.19 -3.19
C ASP B 116 19.46 16.49 -3.61
N ASP B 117 19.42 16.75 -4.92
CA ASP B 117 18.79 17.97 -5.41
C ASP B 117 17.27 17.92 -5.31
N ALA B 118 16.68 16.72 -5.46
CA ALA B 118 15.22 16.61 -5.45
C ALA B 118 14.64 16.52 -4.06
N TYR B 119 15.42 16.10 -3.07
CA TYR B 119 14.88 15.85 -1.73
C TYR B 119 14.06 17.01 -1.18
N PRO B 120 14.53 18.26 -1.21
CA PRO B 120 13.73 19.35 -0.62
C PRO B 120 12.33 19.46 -1.19
N ILE B 121 12.16 19.11 -2.46
CA ILE B 121 10.84 19.18 -3.08
C ILE B 121 9.85 18.32 -2.31
N LEU B 122 10.24 17.09 -2.02
CA LEU B 122 9.35 16.18 -1.28
C LEU B 122 9.35 16.51 0.21
N ALA B 123 10.52 16.79 0.78
CA ALA B 123 10.62 17.01 2.22
C ALA B 123 9.70 18.14 2.68
N ASN B 124 9.63 19.22 1.91
CA ASN B 124 8.90 20.41 2.31
C ASN B 124 7.48 20.44 1.76
N SER B 125 7.02 19.33 1.18
CA SER B 125 5.64 19.20 0.71
C SER B 125 4.67 18.88 1.83
N LEU B 126 5.13 18.91 3.09
CA LEU B 126 4.33 18.37 4.19
C LEU B 126 2.98 19.06 4.31
N SER B 127 2.98 20.40 4.28
CA SER B 127 1.75 21.13 4.55
C SER B 127 0.65 20.74 3.56
N THR B 128 1.02 20.52 2.30
CA THR B 128 0.02 20.16 1.30
C THR B 128 -0.47 18.73 1.52
N PHE B 129 0.44 17.82 1.88
CA PHE B 129 0.01 16.46 2.16
C PHE B 129 -0.85 16.39 3.41
N GLU B 130 -0.51 17.18 4.44
CA GLU B 130 -1.33 17.20 5.65
C GLU B 130 -2.73 17.72 5.36
N ALA B 131 -2.85 18.73 4.50
CA ALA B 131 -4.16 19.21 4.11
C ALA B 131 -4.93 18.13 3.35
N LEU B 132 -4.24 17.42 2.45
CA LEU B 132 -4.86 16.33 1.72
C LEU B 132 -5.33 15.22 2.67
N GLU B 133 -4.44 14.81 3.58
CA GLU B 133 -4.81 13.79 4.56
C GLU B 133 -5.95 14.28 5.45
N SER B 134 -5.94 15.56 5.82
CA SER B 134 -7.01 16.11 6.64
C SER B 134 -8.35 15.99 5.93
N ASP B 135 -8.38 16.26 4.62
CA ASP B 135 -9.63 16.19 3.88
C ASP B 135 -10.16 14.76 3.81
N PHE B 136 -9.27 13.77 3.68
CA PHE B 136 -9.70 12.38 3.72
C PHE B 136 -10.39 12.06 5.04
N THR B 137 -9.75 12.42 6.15
CA THR B 137 -10.34 12.21 7.46
C THR B 137 -11.71 12.85 7.55
N LEU B 138 -11.82 14.12 7.13
CA LEU B 138 -13.12 14.79 7.16
C LEU B 138 -14.13 14.06 6.30
N LEU B 139 -13.73 13.60 5.11
CA LEU B 139 -14.66 12.88 4.26
C LEU B 139 -15.07 11.56 4.90
N ILE B 140 -14.12 10.84 5.49
CA ILE B 140 -14.45 9.61 6.19
C ILE B 140 -15.40 9.89 7.34
N GLY B 141 -15.20 10.99 8.05
CA GLY B 141 -16.13 11.38 9.10
C GLY B 141 -17.52 11.64 8.57
N ILE B 142 -17.62 12.27 7.40
CA ILE B 142 -18.91 12.53 6.78
C ILE B 142 -19.62 11.22 6.47
N LEU B 143 -18.88 10.24 5.95
CA LEU B 143 -19.52 8.99 5.54
C LEU B 143 -19.95 8.17 6.75
N HIS B 144 -19.15 8.18 7.82
CA HIS B 144 -19.58 7.57 9.07
C HIS B 144 -20.85 8.23 9.59
N GLN B 145 -20.95 9.55 9.46
CA GLN B 145 -22.19 10.24 9.81
C GLN B 145 -23.33 9.80 8.90
N ALA B 146 -23.04 9.52 7.64
CA ALA B 146 -24.06 9.01 6.73
C ALA B 146 -24.47 7.59 7.12
N MET B 147 -23.50 6.78 7.55
CA MET B 147 -23.82 5.46 8.08
C MET B 147 -24.82 5.57 9.22
N ASP B 148 -24.57 6.48 10.15
CA ASP B 148 -25.46 6.66 11.29
C ASP B 148 -26.85 7.06 10.84
N SER B 149 -26.94 8.02 9.93
CA SER B 149 -28.25 8.47 9.46
C SER B 149 -28.97 7.38 8.68
N ASN B 150 -28.21 6.57 7.93
CA ASN B 150 -28.82 5.45 7.21
C ASN B 150 -29.53 4.50 8.17
N LYS B 151 -28.84 4.12 9.25
CA LYS B 151 -29.41 3.19 10.21
C LYS B 151 -30.65 3.78 10.87
N VAL B 152 -30.65 5.09 11.12
CA VAL B 152 -31.84 5.75 11.66
C VAL B 152 -33.00 5.63 10.68
N GLN B 153 -32.77 6.00 9.42
CA GLN B 153 -33.82 5.92 8.41
C GLN B 153 -34.30 4.48 8.23
N ILE B 154 -33.37 3.52 8.25
CA ILE B 154 -33.74 2.11 8.11
C ILE B 154 -34.70 1.72 9.23
N LEU B 155 -34.33 2.03 10.47
CA LEU B 155 -35.17 1.64 11.61
C LEU B 155 -36.54 2.30 11.53
N SER B 156 -36.58 3.59 11.15
CA SER B 156 -37.85 4.28 11.10
C SER B 156 -38.70 3.81 9.93
N SER B 157 -38.07 3.38 8.84
CA SER B 157 -38.84 2.93 7.68
C SER B 157 -39.58 1.62 7.99
N VAL B 158 -38.94 0.73 8.77
CA VAL B 158 -39.61 -0.53 9.14
C VAL B 158 -40.65 -0.33 10.22
N LYS B 159 -40.87 0.91 10.69
CA LYS B 159 -42.00 1.18 11.57
C LYS B 159 -43.31 1.05 10.83
N THR B 160 -43.31 1.30 9.52
CA THR B 160 -44.51 1.13 8.70
C THR B 160 -44.97 -0.32 8.62
N LEU B 161 -44.17 -1.26 9.13
CA LEU B 161 -44.51 -2.68 9.18
C LEU B 161 -44.20 -3.37 7.86
N DLY C . 26.36 -7.52 2.98
CA DLY C . 25.81 -8.51 3.92
C DLY C . 26.62 -8.48 5.22
O DLY C . 26.31 -9.22 6.16
CB DLY C . 24.34 -8.23 4.21
CG DLY C . 23.46 -8.13 2.98
CD DLY C . 23.44 -9.43 2.20
CE DLY C . 22.30 -9.44 1.19
NZ DLY C . 22.29 -10.68 0.37
OXT DLY C . 27.57 -7.71 5.36
H2 DLY C . 26.04 -6.62 3.01
H DLY C . 27.21 -7.50 2.96
HA DLY C . 25.88 -9.39 3.53
HB2 DLY C . 24.28 -7.38 4.69
HB3 DLY C . 24.00 -8.95 4.77
HG2 DLY C . 23.79 -7.43 2.40
HG3 DLY C . 22.55 -7.93 3.25
HD2 DLY C . 23.31 -10.17 2.80
HD3 DLY C . 24.27 -9.53 1.71
HE2 DLY C . 22.39 -8.68 0.58
HE3 DLY C . 21.45 -9.38 1.66
HZ1 DLY C . 22.69 -10.53 -0.41
HZ2 DLY C . 21.46 -10.95 0.23
N DLY D . -25.39 6.97 0.51
CA DLY D . -24.97 8.29 0.96
C DLY D . -25.87 8.78 2.09
O DLY D . -26.80 8.09 2.49
CB DLY D . -23.52 8.26 1.41
CG DLY D . -22.57 7.53 0.46
CD DLY D . -22.51 8.18 -0.92
CE DLY D . -21.29 9.04 -1.09
NZ DLY D . -21.17 9.56 -2.48
OXT DLY D . -25.68 9.87 2.62
H2 DLY D . -25.13 6.20 1.02
H DLY D . -26.24 6.83 0.56
HA DLY D . -25.04 8.92 0.21
HB2 DLY D . -23.47 7.82 2.28
HB3 DLY D . -23.20 9.18 1.49
HG2 DLY D . -22.87 6.61 0.36
HG3 DLY D . -21.68 7.55 0.83
HD2 DLY D . -23.30 8.73 -1.05
HD3 DLY D . -22.49 7.48 -1.59
HE2 DLY D . -20.50 8.52 -0.88
HE3 DLY D . -21.35 9.81 -0.49
HZ1 DLY D . -21.36 8.91 -3.06
HZ2 DLY D . -20.34 9.85 -2.64
#